data_6MEA
#
_entry.id   6MEA
#
_cell.length_a   33.614
_cell.length_b   41.642
_cell.length_c   59.783
_cell.angle_alpha   73.160
_cell.angle_beta   88.290
_cell.angle_gamma   88.250
#
_symmetry.space_group_name_H-M   'P 1'
#
loop_
_entity.id
_entity.type
_entity.pdbx_description
1 polymer 'Replicase polyprotein 1ab'
2 non-polymer ADENOSINE-5-DIPHOSPHORIBOSE
3 water water
#
_entity_poly.entity_id   1
_entity_poly.type   'polypeptide(L)'
_entity_poly.pdbx_seq_one_letter_code
;SHMSKYKHTVINNSVTLVLGDAIQIASLLPKCILVNAANRHLKHGGGIAGVINKASGGDVQEESDEYISNNGPLHVGDSV
LLKGHGLADAILHVVGPDARNNEDAALLKRCYKAFNKHTIVVTPLISAGIFSVDPKVSFEYLLANVTTTTYVVVNNEDIY
NTLATPSKPDGLVY
;
_entity_poly.pdbx_strand_id   A,B
#
loop_
_chem_comp.id
_chem_comp.type
_chem_comp.name
_chem_comp.formula
APR non-polymer ADENOSINE-5-DIPHOSPHORIBOSE 'C15 H23 N5 O14 P2'
#
# COMPACT_ATOMS: atom_id res chain seq x y z
N SER A 4 -9.85 -10.25 25.50
CA SER A 4 -9.61 -11.71 25.64
C SER A 4 -9.90 -12.46 24.34
N LYS A 5 -10.81 -11.94 23.50
CA LYS A 5 -11.10 -12.60 22.20
C LYS A 5 -10.02 -12.33 21.16
N TYR A 6 -9.16 -11.35 21.39
CA TYR A 6 -8.13 -11.02 20.37
C TYR A 6 -6.76 -11.43 20.75
N LYS A 7 -6.02 -11.76 19.71
CA LYS A 7 -4.60 -11.83 19.84
C LYS A 7 -4.19 -10.40 20.18
N HIS A 8 -3.65 -10.25 21.37
CA HIS A 8 -3.20 -8.96 21.85
C HIS A 8 -2.03 -9.15 22.80
N THR A 9 -1.19 -8.13 22.88
CA THR A 9 -0.05 -8.11 23.76
C THR A 9 -0.03 -6.76 24.44
N VAL A 10 -0.09 -6.78 25.77
CA VAL A 10 0.03 -5.55 26.53
C VAL A 10 1.52 -5.21 26.56
N ILE A 11 1.85 -4.03 26.07
CA ILE A 11 3.25 -3.61 25.93
C ILE A 11 3.72 -2.93 27.20
N ASN A 12 2.92 -2.01 27.71
CA ASN A 12 3.24 -1.27 28.93
C ASN A 12 1.92 -0.85 29.62
N ASN A 13 2.00 0.06 30.59
CA ASN A 13 0.79 0.53 31.28
C ASN A 13 -0.13 1.40 30.42
N SER A 14 0.35 1.88 29.27
CA SER A 14 -0.46 2.69 28.35
C SER A 14 -0.93 1.92 27.11
N VAL A 15 -0.03 1.15 26.50
CA VAL A 15 -0.23 0.63 25.14
C VAL A 15 -0.49 -0.88 25.11
N THR A 16 -1.56 -1.26 24.40
CA THR A 16 -1.84 -2.66 24.06
C THR A 16 -1.83 -2.79 22.54
N LEU A 17 -1.08 -3.76 22.03
CA LEU A 17 -1.03 -4.06 20.61
C LEU A 17 -2.07 -5.15 20.33
N VAL A 18 -2.92 -4.93 19.32
CA VAL A 18 -4.03 -5.81 19.00
C VAL A 18 -3.98 -6.21 17.54
N LEU A 19 -4.17 -7.49 17.28
CA LEU A 19 -4.30 -7.98 15.91
C LEU A 19 -5.77 -7.92 15.52
N GLY A 20 -6.11 -7.05 14.57
CA GLY A 20 -7.48 -6.91 14.15
C GLY A 20 -7.73 -5.70 13.29
N ASP A 21 -9.00 -5.31 13.20
CA ASP A 21 -9.47 -4.18 12.42
C ASP A 21 -9.78 -3.06 13.42
N ALA A 22 -9.12 -1.91 13.24
CA ALA A 22 -9.28 -0.81 14.18
C ALA A 22 -10.72 -0.35 14.33
N ILE A 23 -11.48 -0.37 13.24
CA ILE A 23 -12.90 0.01 13.30
C ILE A 23 -13.69 -0.92 14.22
N GLN A 24 -13.39 -2.22 14.16
CA GLN A 24 -14.08 -3.19 15.02
C GLN A 24 -13.71 -2.99 16.49
N ILE A 25 -12.45 -2.68 16.77
CA ILE A 25 -12.01 -2.46 18.14
C ILE A 25 -12.64 -1.19 18.70
N ALA A 26 -12.70 -0.13 17.90
CA ALA A 26 -13.37 1.10 18.34
C ALA A 26 -14.85 0.87 18.64
N SER A 27 -15.50 0.02 17.85
N SER A 27 -15.51 0.03 17.85
CA SER A 27 -16.90 -0.33 18.06
CA SER A 27 -16.92 -0.30 18.10
C SER A 27 -17.13 -1.04 19.41
C SER A 27 -17.13 -1.04 19.42
N LEU A 28 -16.20 -1.91 19.80
CA LEU A 28 -16.31 -2.70 21.04
C LEU A 28 -16.24 -1.85 22.29
N LEU A 29 -15.43 -0.80 22.26
CA LEU A 29 -15.21 0.03 23.44
C LEU A 29 -16.35 1.02 23.64
N PRO A 30 -16.83 1.18 24.89
CA PRO A 30 -17.96 2.10 25.10
C PRO A 30 -17.61 3.57 24.86
N LYS A 31 -16.37 3.95 25.13
CA LYS A 31 -15.91 5.31 24.91
C LYS A 31 -14.49 5.28 24.36
N CYS A 32 -14.29 5.89 23.20
CA CYS A 32 -12.95 6.02 22.64
C CYS A 32 -12.92 7.07 21.54
N ILE A 33 -11.70 7.49 21.22
CA ILE A 33 -11.40 8.24 20.02
C ILE A 33 -10.78 7.24 19.06
N LEU A 34 -11.23 7.27 17.81
CA LEU A 34 -10.61 6.51 16.73
C LEU A 34 -9.69 7.43 15.96
N VAL A 35 -8.46 7.00 15.73
CA VAL A 35 -7.49 7.80 14.98
C VAL A 35 -7.52 7.40 13.52
N ASN A 36 -7.57 8.40 12.65
CA ASN A 36 -7.44 8.21 11.22
C ASN A 36 -6.06 8.67 10.77
N ALA A 37 -5.42 7.85 9.91
CA ALA A 37 -4.15 8.20 9.27
C ALA A 37 -4.47 8.94 7.99
N ALA A 38 -4.40 10.27 8.05
CA ALA A 38 -4.91 11.15 7.00
C ALA A 38 -3.79 11.82 6.23
N ASN A 39 -4.18 12.54 5.18
CA ASN A 39 -3.29 13.46 4.47
C ASN A 39 -3.68 14.91 4.75
N ARG A 40 -2.87 15.84 4.26
CA ARG A 40 -3.03 17.26 4.54
C ARG A 40 -4.37 17.85 4.11
N HIS A 41 -5.00 17.25 3.10
CA HIS A 41 -6.27 17.75 2.58
C HIS A 41 -7.47 16.93 3.04
N LEU A 42 -7.24 15.99 3.96
CA LEU A 42 -8.28 15.07 4.43
C LEU A 42 -9.09 14.47 3.27
N LYS A 43 -8.37 14.06 2.23
CA LYS A 43 -8.98 13.38 1.08
C LYS A 43 -8.73 11.90 1.32
N HIS A 44 -9.76 11.20 1.76
CA HIS A 44 -9.58 9.89 2.36
C HIS A 44 -9.41 8.82 1.29
N GLY A 45 -8.19 8.27 1.22
CA GLY A 45 -7.74 7.40 0.14
C GLY A 45 -7.78 5.91 0.42
N GLY A 46 -6.77 5.19 -0.06
CA GLY A 46 -6.78 3.73 -0.10
C GLY A 46 -6.40 2.94 1.14
N GLY A 47 -6.04 3.63 2.21
CA GLY A 47 -5.70 2.97 3.46
C GLY A 47 -6.88 2.96 4.39
N ILE A 48 -6.60 3.05 5.68
CA ILE A 48 -7.66 3.04 6.69
C ILE A 48 -8.61 4.23 6.54
N ALA A 49 -8.11 5.36 6.04
CA ALA A 49 -8.96 6.54 5.85
C ALA A 49 -10.18 6.22 4.97
N GLY A 50 -9.95 5.52 3.86
CA GLY A 50 -11.05 5.13 2.99
C GLY A 50 -12.02 4.17 3.64
N VAL A 51 -11.50 3.26 4.46
CA VAL A 51 -12.34 2.30 5.18
C VAL A 51 -13.19 3.03 6.22
N ILE A 52 -12.59 3.95 6.96
CA ILE A 52 -13.34 4.78 7.91
C ILE A 52 -14.44 5.56 7.18
N ASN A 53 -14.08 6.17 6.05
CA ASN A 53 -15.06 6.93 5.29
C ASN A 53 -16.21 6.05 4.81
N LYS A 54 -15.88 4.90 4.22
CA LYS A 54 -16.90 3.98 3.73
C LYS A 54 -17.79 3.43 4.84
N ALA A 55 -17.21 3.14 6.02
CA ALA A 55 -17.99 2.70 7.18
C ALA A 55 -18.99 3.76 7.65
N SER A 56 -18.69 5.02 7.37
CA SER A 56 -19.57 6.14 7.70
C SER A 56 -20.52 6.50 6.56
N GLY A 57 -20.52 5.72 5.47
CA GLY A 57 -21.36 6.01 4.31
C GLY A 57 -21.02 7.30 3.59
N GLY A 58 -19.77 7.76 3.72
CA GLY A 58 -19.34 9.03 3.16
C GLY A 58 -19.49 10.24 4.07
N ASP A 59 -20.05 10.06 5.26
CA ASP A 59 -20.26 11.16 6.21
C ASP A 59 -18.93 11.81 6.61
N VAL A 60 -17.89 10.98 6.80
CA VAL A 60 -16.58 11.49 7.21
C VAL A 60 -15.99 12.42 6.14
N GLN A 61 -16.07 12.02 4.87
CA GLN A 61 -15.51 12.86 3.81
C GLN A 61 -16.25 14.18 3.68
N GLU A 62 -17.58 14.14 3.80
CA GLU A 62 -18.39 15.35 3.76
C GLU A 62 -17.95 16.34 4.84
N GLU A 63 -17.81 15.84 6.07
CA GLU A 63 -17.37 16.68 7.18
C GLU A 63 -15.94 17.19 6.99
N SER A 64 -15.07 16.32 6.50
CA SER A 64 -13.67 16.68 6.24
C SER A 64 -13.55 17.82 5.22
N ASP A 65 -14.32 17.74 4.14
CA ASP A 65 -14.35 18.82 3.14
C ASP A 65 -14.76 20.15 3.76
N GLU A 66 -15.78 20.11 4.61
CA GLU A 66 -16.25 21.29 5.31
C GLU A 66 -15.14 21.88 6.19
N TYR A 67 -14.43 21.04 6.93
CA TYR A 67 -13.31 21.50 7.76
C TYR A 67 -12.20 22.14 6.92
N ILE A 68 -11.79 21.48 5.85
CA ILE A 68 -10.69 21.99 5.04
C ILE A 68 -11.03 23.34 4.39
N SER A 69 -12.30 23.56 4.07
CA SER A 69 -12.73 24.88 3.61
C SER A 69 -12.56 25.95 4.70
N ASN A 70 -12.80 25.57 5.96
CA ASN A 70 -12.65 26.48 7.10
C ASN A 70 -11.19 26.72 7.51
N ASN A 71 -10.36 25.68 7.39
CA ASN A 71 -8.98 25.72 7.85
C ASN A 71 -7.95 26.01 6.76
N GLY A 72 -8.26 25.60 5.52
CA GLY A 72 -7.23 25.36 4.52
C GLY A 72 -6.57 24.02 4.82
N PRO A 73 -5.55 23.64 4.02
CA PRO A 73 -4.89 22.35 4.29
C PRO A 73 -4.13 22.33 5.61
N LEU A 74 -4.04 21.15 6.20
CA LEU A 74 -3.26 20.95 7.41
C LEU A 74 -1.77 20.90 7.09
N HIS A 75 -0.98 21.07 8.12
CA HIS A 75 0.46 20.83 8.02
C HIS A 75 0.75 19.39 8.40
N VAL A 76 1.84 18.86 7.89
CA VAL A 76 2.29 17.53 8.29
C VAL A 76 2.55 17.54 9.79
N GLY A 77 2.03 16.54 10.49
CA GLY A 77 2.13 16.46 11.94
C GLY A 77 0.95 17.04 12.70
N ASP A 78 0.10 17.80 12.01
CA ASP A 78 -1.12 18.35 12.61
C ASP A 78 -2.17 17.27 12.81
N SER A 79 -3.16 17.60 13.63
CA SER A 79 -4.31 16.74 13.80
C SER A 79 -5.55 17.59 13.99
N VAL A 80 -6.71 16.98 13.75
CA VAL A 80 -7.99 17.65 13.96
C VAL A 80 -8.98 16.65 14.52
N LEU A 81 -9.68 17.05 15.58
CA LEU A 81 -10.73 16.24 16.16
C LEU A 81 -12.07 16.56 15.50
N LEU A 82 -12.62 15.58 14.81
CA LEU A 82 -13.89 15.72 14.12
C LEU A 82 -14.90 14.73 14.69
N LYS A 83 -16.12 14.75 14.17
CA LYS A 83 -17.18 13.88 14.68
C LYS A 83 -16.89 12.41 14.42
N GLY A 84 -17.59 11.57 15.19
CA GLY A 84 -17.38 10.13 15.17
C GLY A 84 -18.27 9.35 14.22
N HIS A 85 -19.42 9.90 13.85
CA HIS A 85 -20.32 9.29 12.87
C HIS A 85 -20.72 7.85 13.23
N GLY A 86 -20.85 7.60 14.54
CA GLY A 86 -21.22 6.28 15.01
C GLY A 86 -20.10 5.26 15.08
N LEU A 87 -18.89 5.61 14.61
CA LEU A 87 -17.74 4.71 14.69
C LEU A 87 -17.02 4.78 16.05
N ALA A 88 -17.09 5.93 16.68
CA ALA A 88 -16.41 6.22 17.95
C ALA A 88 -17.01 7.52 18.46
N ASP A 89 -16.60 7.96 19.65
CA ASP A 89 -17.09 9.24 20.17
C ASP A 89 -16.64 10.40 19.31
N ALA A 90 -15.46 10.27 18.71
CA ALA A 90 -14.90 11.27 17.81
C ALA A 90 -13.81 10.59 17.00
N ILE A 91 -13.43 11.21 15.90
CA ILE A 91 -12.31 10.74 15.09
C ILE A 91 -11.22 11.80 15.10
N LEU A 92 -10.01 11.41 15.49
CA LEU A 92 -8.85 12.27 15.46
C LEU A 92 -8.11 11.99 14.17
N HIS A 93 -8.19 12.92 13.22
CA HIS A 93 -7.49 12.78 11.94
C HIS A 93 -6.09 13.33 12.15
N VAL A 94 -5.08 12.48 11.98
CA VAL A 94 -3.68 12.89 12.15
C VAL A 94 -2.98 12.80 10.80
N VAL A 95 -2.15 13.80 10.50
CA VAL A 95 -1.42 13.84 9.24
C VAL A 95 0.00 13.35 9.49
N GLY A 96 0.22 12.06 9.24
CA GLY A 96 1.55 11.50 9.35
C GLY A 96 2.46 11.99 8.24
N PRO A 97 3.78 11.90 8.45
CA PRO A 97 4.71 12.20 7.36
C PRO A 97 4.67 11.13 6.26
N ASP A 98 4.68 11.59 5.02
CA ASP A 98 4.72 10.74 3.85
C ASP A 98 6.17 10.61 3.39
N ALA A 99 6.77 9.45 3.63
CA ALA A 99 8.16 9.21 3.23
C ALA A 99 8.34 9.26 1.71
N ARG A 100 7.28 9.04 0.93
CA ARG A 100 7.38 9.18 -0.53
C ARG A 100 7.64 10.62 -0.95
N ASN A 101 7.21 11.56 -0.11
CA ASN A 101 7.43 12.99 -0.33
C ASN A 101 8.59 13.57 0.51
N ASN A 102 9.51 12.70 0.95
N ASN A 102 9.52 12.71 0.93
CA ASN A 102 10.69 13.08 1.72
CA ASN A 102 10.69 13.11 1.73
C ASN A 102 10.38 13.76 3.07
C ASN A 102 10.34 13.83 3.03
N GLU A 103 9.19 13.49 3.61
CA GLU A 103 8.77 14.03 4.91
C GLU A 103 9.34 13.13 5.99
N ASP A 104 9.92 13.73 7.02
CA ASP A 104 10.70 13.00 8.01
C ASP A 104 9.81 12.29 9.01
N ALA A 105 10.16 11.04 9.32
CA ALA A 105 9.43 10.24 10.31
C ALA A 105 9.38 10.90 11.68
N ALA A 106 10.35 11.76 11.99
CA ALA A 106 10.35 12.48 13.27
C ALA A 106 9.09 13.30 13.53
N LEU A 107 8.40 13.71 12.47
CA LEU A 107 7.11 14.39 12.65
C LEU A 107 6.02 13.52 13.27
N LEU A 108 6.22 12.20 13.31
CA LEU A 108 5.33 11.34 14.07
C LEU A 108 5.27 11.70 15.56
N LYS A 109 6.31 12.34 16.09
CA LYS A 109 6.24 12.84 17.46
C LYS A 109 5.02 13.73 17.67
N ARG A 110 4.80 14.64 16.73
CA ARG A 110 3.67 15.56 16.82
C ARG A 110 2.33 14.83 16.70
N CYS A 111 2.28 13.86 15.80
CA CYS A 111 1.06 13.06 15.61
C CYS A 111 0.67 12.35 16.90
N TYR A 112 1.64 11.65 17.49
CA TYR A 112 1.36 10.81 18.64
C TYR A 112 1.15 11.59 19.92
N LYS A 113 1.83 12.72 20.07
CA LYS A 113 1.59 13.56 21.25
C LYS A 113 0.14 14.07 21.32
N ALA A 114 -0.51 14.22 20.17
CA ALA A 114 -1.91 14.63 20.12
C ALA A 114 -2.87 13.62 20.75
N PHE A 115 -2.43 12.38 20.94
CA PHE A 115 -3.25 11.36 21.60
C PHE A 115 -3.48 11.66 23.07
N ASN A 116 -2.53 12.35 23.71
CA ASN A 116 -2.38 12.27 25.17
C ASN A 116 -3.47 12.95 25.98
N LYS A 117 -4.19 13.89 25.38
CA LYS A 117 -5.31 14.53 26.07
C LYS A 117 -6.58 13.67 26.10
N HIS A 118 -6.59 12.58 25.35
CA HIS A 118 -7.75 11.71 25.23
C HIS A 118 -7.59 10.50 26.10
N THR A 119 -8.66 10.11 26.79
CA THR A 119 -8.57 9.05 27.78
C THR A 119 -8.37 7.66 27.19
N ILE A 120 -9.07 7.34 26.12
CA ILE A 120 -8.97 6.04 25.46
C ILE A 120 -8.84 6.29 23.97
N VAL A 121 -7.79 5.75 23.37
CA VAL A 121 -7.51 5.95 21.94
C VAL A 121 -7.38 4.59 21.26
N VAL A 122 -8.00 4.46 20.10
CA VAL A 122 -7.80 3.32 19.21
C VAL A 122 -7.13 3.86 17.96
N THR A 123 -5.99 3.29 17.59
CA THR A 123 -5.19 3.84 16.48
C THR A 123 -4.60 2.76 15.60
N PRO A 124 -4.44 3.03 14.30
CA PRO A 124 -3.53 2.26 13.46
C PRO A 124 -2.11 2.80 13.62
N LEU A 125 -1.16 2.16 12.94
CA LEU A 125 0.22 2.65 12.93
C LEU A 125 0.35 3.75 11.90
N ILE A 126 0.48 4.98 12.37
CA ILE A 126 0.48 6.14 11.48
C ILE A 126 1.70 6.09 10.56
N SER A 127 1.46 6.39 9.29
CA SER A 127 2.48 6.44 8.24
C SER A 127 3.04 5.09 7.81
N ALA A 128 2.56 3.99 8.37
CA ALA A 128 3.15 2.67 8.14
C ALA A 128 2.61 1.98 6.89
N GLY A 129 1.63 2.59 6.21
CA GLY A 129 1.05 2.01 5.00
C GLY A 129 1.52 2.75 3.78
N ILE A 130 0.59 3.47 3.15
CA ILE A 130 0.89 4.23 1.93
C ILE A 130 2.05 5.23 2.15
N PHE A 131 2.10 5.83 3.34
CA PHE A 131 3.14 6.82 3.64
C PHE A 131 4.52 6.21 3.89
N SER A 132 4.63 4.88 3.88
CA SER A 132 5.90 4.21 3.62
C SER A 132 6.98 4.39 4.69
N VAL A 133 6.55 4.55 5.94
CA VAL A 133 7.46 4.50 7.09
C VAL A 133 7.46 3.06 7.61
N ASP A 134 8.64 2.56 7.98
CA ASP A 134 8.79 1.23 8.58
C ASP A 134 7.83 1.10 9.78
N PRO A 135 7.00 0.03 9.82
CA PRO A 135 6.10 -0.12 10.98
C PRO A 135 6.80 -0.10 12.34
N LYS A 136 7.99 -0.68 12.44
CA LYS A 136 8.74 -0.64 13.69
C LYS A 136 9.12 0.79 14.09
N VAL A 137 9.47 1.62 13.11
CA VAL A 137 9.79 3.03 13.36
C VAL A 137 8.54 3.75 13.90
N SER A 138 7.40 3.58 13.23
CA SER A 138 6.18 4.22 13.70
C SER A 138 5.81 3.78 15.11
N PHE A 139 5.92 2.48 15.38
CA PHE A 139 5.60 1.92 16.69
C PHE A 139 6.55 2.46 17.76
N GLU A 140 7.83 2.61 17.42
CA GLU A 140 8.80 3.21 18.36
C GLU A 140 8.44 4.66 18.70
N TYR A 141 8.04 5.46 17.72
CA TYR A 141 7.59 6.83 17.98
C TYR A 141 6.33 6.83 18.85
N LEU A 142 5.44 5.86 18.60
CA LEU A 142 4.24 5.74 19.39
C LEU A 142 4.58 5.46 20.87
N LEU A 143 5.40 4.44 21.10
CA LEU A 143 5.76 4.08 22.47
C LEU A 143 6.49 5.20 23.20
N ALA A 144 7.32 5.95 22.47
CA ALA A 144 8.10 7.02 23.07
C ALA A 144 7.27 8.22 23.50
N ASN A 145 6.13 8.43 22.83
CA ASN A 145 5.35 9.66 23.01
C ASN A 145 3.97 9.50 23.61
N VAL A 146 3.36 8.32 23.50
CA VAL A 146 2.00 8.10 23.97
C VAL A 146 2.01 7.76 25.46
N THR A 147 1.21 8.51 26.23
CA THR A 147 1.11 8.38 27.68
C THR A 147 -0.34 8.26 28.13
N THR A 148 -1.21 7.76 27.25
CA THR A 148 -2.60 7.51 27.57
C THR A 148 -2.96 6.10 27.11
N THR A 149 -4.09 5.60 27.60
CA THR A 149 -4.54 4.25 27.28
C THR A 149 -4.85 4.16 25.79
N THR A 150 -4.09 3.32 25.09
CA THR A 150 -4.12 3.27 23.64
C THR A 150 -4.11 1.82 23.18
N TYR A 151 -5.04 1.51 22.28
CA TYR A 151 -5.10 0.22 21.61
C TYR A 151 -4.56 0.44 20.20
N VAL A 152 -3.38 -0.12 19.94
CA VAL A 152 -2.71 0.02 18.66
C VAL A 152 -3.09 -1.22 17.88
N VAL A 153 -3.87 -1.02 16.83
CA VAL A 153 -4.48 -2.13 16.11
C VAL A 153 -3.80 -2.27 14.77
N VAL A 154 -3.27 -3.47 14.52
CA VAL A 154 -2.63 -3.80 13.26
C VAL A 154 -3.41 -4.96 12.64
N ASN A 155 -3.64 -4.91 11.34
CA ASN A 155 -4.45 -5.94 10.67
C ASN A 155 -3.62 -7.01 9.96
N ASN A 156 -2.30 -6.89 10.02
CA ASN A 156 -1.38 -7.84 9.39
C ASN A 156 -0.67 -8.63 10.50
N GLU A 157 -0.80 -9.96 10.47
CA GLU A 157 -0.25 -10.79 11.54
C GLU A 157 1.28 -10.80 11.56
N ASP A 158 1.92 -10.66 10.41
CA ASP A 158 3.39 -10.57 10.37
C ASP A 158 3.89 -9.30 11.06
N ILE A 159 3.20 -8.18 10.81
CA ILE A 159 3.52 -6.93 11.52
C ILE A 159 3.28 -7.10 13.02
N TYR A 160 2.14 -7.67 13.39
CA TYR A 160 1.83 -7.95 14.80
C TYR A 160 2.94 -8.75 15.46
N ASN A 161 3.34 -9.85 14.83
CA ASN A 161 4.38 -10.70 15.39
C ASN A 161 5.71 -9.96 15.54
N THR A 162 6.06 -9.14 14.55
CA THR A 162 7.30 -8.34 14.63
C THR A 162 7.28 -7.39 15.82
N LEU A 163 6.16 -6.69 16.01
CA LEU A 163 6.05 -5.68 17.05
C LEU A 163 5.82 -6.25 18.44
N ALA A 164 5.20 -7.41 18.52
CA ALA A 164 4.95 -8.08 19.80
C ALA A 164 6.22 -8.73 20.39
N THR A 165 7.22 -9.01 19.55
CA THR A 165 8.49 -9.57 20.04
C THR A 165 9.36 -8.47 20.64
N LYS B 5 9.76 15.11 -12.48
CA LYS B 5 8.43 14.50 -12.30
C LYS B 5 7.99 13.82 -13.60
N TYR B 6 6.85 13.13 -13.54
CA TYR B 6 6.41 12.29 -14.64
C TYR B 6 5.05 12.69 -15.16
N LYS B 7 4.86 12.47 -16.45
CA LYS B 7 3.52 12.47 -17.03
C LYS B 7 2.78 11.34 -16.34
N HIS B 8 1.69 11.69 -15.65
CA HIS B 8 0.91 10.70 -14.93
C HIS B 8 -0.54 11.14 -14.78
N THR B 9 -1.41 10.15 -14.60
CA THR B 9 -2.85 10.37 -14.51
C THR B 9 -3.38 9.44 -13.43
N VAL B 10 -4.09 10.01 -12.46
CA VAL B 10 -4.80 9.22 -11.47
C VAL B 10 -6.03 8.63 -12.15
N ILE B 11 -6.09 7.31 -12.22
CA ILE B 11 -7.18 6.61 -12.90
C ILE B 11 -8.34 6.38 -11.94
N ASN B 12 -8.03 5.85 -10.77
CA ASN B 12 -9.02 5.67 -9.71
C ASN B 12 -8.33 5.78 -8.35
N ASN B 13 -9.02 5.42 -7.26
CA ASN B 13 -8.45 5.57 -5.92
C ASN B 13 -7.26 4.62 -5.67
N SER B 14 -7.11 3.57 -6.47
CA SER B 14 -6.01 2.63 -6.37
C SER B 14 -4.89 2.88 -7.39
N VAL B 15 -5.25 3.18 -8.63
CA VAL B 15 -4.34 3.09 -9.76
C VAL B 15 -3.94 4.46 -10.29
N THR B 16 -2.63 4.68 -10.43
CA THR B 16 -2.05 5.83 -11.13
C THR B 16 -1.27 5.31 -12.32
N LEU B 17 -1.56 5.87 -13.50
CA LEU B 17 -0.83 5.55 -14.73
C LEU B 17 0.32 6.53 -14.88
N VAL B 18 1.51 6.02 -15.18
CA VAL B 18 2.74 6.82 -15.22
C VAL B 18 3.45 6.52 -16.54
N LEU B 19 3.90 7.57 -17.22
CA LEU B 19 4.75 7.44 -18.39
C LEU B 19 6.20 7.44 -17.91
N GLY B 20 6.87 6.31 -18.10
CA GLY B 20 8.26 6.19 -17.69
C GLY B 20 8.74 4.76 -17.68
N ASP B 21 9.83 4.55 -16.95
CA ASP B 21 10.48 3.25 -16.81
C ASP B 21 10.13 2.70 -15.43
N ALA B 22 9.49 1.53 -15.38
CA ALA B 22 9.06 0.94 -14.11
C ALA B 22 10.19 0.77 -13.11
N ILE B 23 11.40 0.44 -13.58
CA ILE B 23 12.55 0.28 -12.69
C ILE B 23 12.91 1.61 -12.02
N GLN B 24 12.83 2.70 -12.77
CA GLN B 24 13.13 4.04 -12.23
C GLN B 24 12.09 4.44 -11.18
N ILE B 25 10.83 4.13 -11.44
CA ILE B 25 9.75 4.46 -10.50
C ILE B 25 9.89 3.64 -9.22
N ALA B 26 10.20 2.35 -9.35
CA ALA B 26 10.43 1.51 -8.17
C ALA B 26 11.59 2.02 -7.32
N SER B 27 12.67 2.48 -7.96
CA SER B 27 13.80 3.07 -7.23
C SER B 27 13.43 4.35 -6.47
N LEU B 28 12.59 5.17 -7.09
CA LEU B 28 12.14 6.45 -6.52
C LEU B 28 11.37 6.28 -5.21
N LEU B 29 10.53 5.25 -5.13
CA LEU B 29 9.65 5.04 -3.98
C LEU B 29 10.42 4.36 -2.85
N PRO B 30 10.24 4.81 -1.61
CA PRO B 30 10.98 4.19 -0.50
C PRO B 30 10.55 2.76 -0.17
N LYS B 31 9.27 2.46 -0.38
CA LYS B 31 8.74 1.12 -0.14
C LYS B 31 7.86 0.71 -1.31
N CYS B 32 8.20 -0.39 -1.98
CA CYS B 32 7.32 -0.93 -2.99
C CYS B 32 7.70 -2.35 -3.37
N ILE B 33 6.76 -3.02 -4.00
CA ILE B 33 6.98 -4.27 -4.72
C ILE B 33 7.06 -3.90 -6.19
N LEU B 34 8.09 -4.38 -6.88
CA LEU B 34 8.19 -4.26 -8.34
C LEU B 34 7.68 -5.55 -8.96
N VAL B 35 6.80 -5.44 -9.95
CA VAL B 35 6.26 -6.60 -10.62
C VAL B 35 7.06 -6.88 -11.88
N ASN B 36 7.42 -8.14 -12.07
CA ASN B 36 8.05 -8.62 -13.28
C ASN B 36 7.04 -9.42 -14.10
N ALA B 37 7.02 -9.14 -15.41
CA ALA B 37 6.20 -9.90 -16.36
C ALA B 37 7.05 -11.08 -16.82
N ALA B 38 6.84 -12.22 -16.18
CA ALA B 38 7.69 -13.38 -16.35
C ALA B 38 7.04 -14.45 -17.20
N ASN B 39 7.85 -15.44 -17.57
CA ASN B 39 7.33 -16.71 -18.09
C ASN B 39 7.36 -17.76 -16.99
N ARG B 40 6.74 -18.90 -17.28
CA ARG B 40 6.60 -19.97 -16.30
C ARG B 40 7.92 -20.59 -15.84
N HIS B 41 9.00 -20.35 -16.58
CA HIS B 41 10.32 -20.87 -16.21
C HIS B 41 11.20 -19.83 -15.52
N LEU B 42 10.66 -18.63 -15.28
CA LEU B 42 11.42 -17.48 -14.79
C LEU B 42 12.74 -17.28 -15.55
N LYS B 43 12.68 -17.46 -16.87
CA LYS B 43 13.81 -17.16 -17.74
C LYS B 43 13.56 -15.77 -18.25
N HIS B 44 14.42 -14.84 -17.87
CA HIS B 44 14.12 -13.43 -18.06
C HIS B 44 14.66 -12.93 -19.40
N GLY B 45 13.73 -12.73 -20.34
CA GLY B 45 14.05 -12.54 -21.76
C GLY B 45 13.96 -11.11 -22.25
N GLY B 46 13.40 -10.94 -23.45
CA GLY B 46 13.53 -9.69 -24.20
C GLY B 46 12.67 -8.51 -23.81
N GLY B 47 11.78 -8.70 -22.84
CA GLY B 47 10.93 -7.63 -22.35
C GLY B 47 11.48 -7.02 -21.08
N ILE B 48 10.58 -6.56 -20.21
CA ILE B 48 11.02 -5.94 -18.96
C ILE B 48 11.79 -6.92 -18.07
N ALA B 49 11.49 -8.21 -18.15
CA ALA B 49 12.18 -9.21 -17.33
C ALA B 49 13.70 -9.16 -17.51
N GLY B 50 14.15 -9.09 -18.76
CA GLY B 50 15.59 -8.99 -19.04
C GLY B 50 16.21 -7.72 -18.47
N VAL B 51 15.46 -6.63 -18.52
CA VAL B 51 15.95 -5.33 -18.05
C VAL B 51 16.07 -5.36 -16.53
N ILE B 52 15.05 -5.92 -15.86
CA ILE B 52 15.11 -6.13 -14.41
C ILE B 52 16.33 -6.97 -14.05
N ASN B 53 16.53 -8.08 -14.77
CA ASN B 53 17.65 -8.94 -14.48
C ASN B 53 18.99 -8.23 -14.69
N LYS B 54 19.13 -7.51 -15.80
CA LYS B 54 20.37 -6.77 -16.07
C LYS B 54 20.63 -5.66 -15.06
N ALA B 55 19.58 -4.98 -14.60
CA ALA B 55 19.71 -3.97 -13.53
C ALA B 55 20.23 -4.56 -12.23
N SER B 56 19.94 -5.85 -12.00
CA SER B 56 20.42 -6.58 -10.84
C SER B 56 21.77 -7.27 -11.06
N GLY B 57 22.41 -7.06 -12.22
CA GLY B 57 23.66 -7.73 -12.56
C GLY B 57 23.58 -9.24 -12.66
N GLY B 58 22.39 -9.76 -12.97
CA GLY B 58 22.16 -11.20 -13.02
C GLY B 58 21.69 -11.84 -11.73
N ASP B 59 21.60 -11.07 -10.64
CA ASP B 59 21.18 -11.62 -9.34
C ASP B 59 19.75 -12.15 -9.38
N VAL B 60 18.87 -11.46 -10.11
CA VAL B 60 17.48 -11.91 -10.25
C VAL B 60 17.43 -13.26 -10.93
N GLN B 61 18.17 -13.42 -12.03
CA GLN B 61 18.17 -14.70 -12.75
C GLN B 61 18.78 -15.81 -11.91
N GLU B 62 19.84 -15.50 -11.17
CA GLU B 62 20.46 -16.50 -10.30
C GLU B 62 19.46 -17.03 -9.28
N GLU B 63 18.73 -16.12 -8.63
CA GLU B 63 17.72 -16.51 -7.65
C GLU B 63 16.54 -17.25 -8.28
N SER B 64 16.10 -16.78 -9.45
CA SER B 64 15.03 -17.42 -10.20
C SER B 64 15.37 -18.86 -10.57
N ASP B 65 16.59 -19.07 -11.06
CA ASP B 65 17.08 -20.41 -11.38
C ASP B 65 17.08 -21.30 -10.16
N GLU B 66 17.48 -20.76 -9.02
CA GLU B 66 17.46 -21.54 -7.78
C GLU B 66 16.04 -21.93 -7.41
N TYR B 67 15.09 -20.99 -7.53
CA TYR B 67 13.69 -21.30 -7.24
C TYR B 67 13.13 -22.39 -8.17
N ILE B 68 13.35 -22.25 -9.48
CA ILE B 68 12.80 -23.20 -10.46
C ILE B 68 13.53 -24.53 -10.41
N SER B 69 14.85 -24.51 -10.24
CA SER B 69 15.63 -25.75 -10.08
C SER B 69 15.13 -26.60 -8.92
N ASN B 70 14.55 -25.94 -7.91
CA ASN B 70 13.98 -26.61 -6.74
C ASN B 70 12.49 -26.94 -6.87
N ASN B 71 11.71 -26.04 -7.46
CA ASN B 71 10.24 -26.15 -7.48
C ASN B 71 9.61 -26.58 -8.81
N GLY B 72 10.37 -26.49 -9.90
CA GLY B 72 9.81 -26.73 -11.23
C GLY B 72 9.01 -25.56 -11.76
N PRO B 73 8.56 -25.65 -13.03
CA PRO B 73 7.87 -24.54 -13.67
C PRO B 73 6.58 -24.12 -12.97
N LEU B 74 6.27 -22.84 -13.08
CA LEU B 74 5.03 -22.27 -12.56
C LEU B 74 3.87 -22.57 -13.51
N HIS B 75 2.65 -22.39 -13.02
CA HIS B 75 1.47 -22.37 -13.89
C HIS B 75 1.20 -20.96 -14.39
N VAL B 76 0.59 -20.87 -15.56
CA VAL B 76 0.18 -19.58 -16.11
C VAL B 76 -0.86 -18.99 -15.15
N GLY B 77 -0.69 -17.70 -14.83
CA GLY B 77 -1.50 -17.02 -13.85
C GLY B 77 -0.93 -17.02 -12.44
N ASP B 78 0.07 -17.90 -12.17
CA ASP B 78 0.72 -17.94 -10.85
C ASP B 78 1.66 -16.75 -10.69
N SER B 79 2.11 -16.58 -9.47
CA SER B 79 3.15 -15.62 -9.17
C SER B 79 4.00 -16.11 -8.02
N VAL B 80 5.19 -15.55 -7.91
CA VAL B 80 6.10 -15.86 -6.81
C VAL B 80 6.80 -14.58 -6.37
N LEU B 81 6.77 -14.32 -5.07
CA LEU B 81 7.44 -13.16 -4.51
C LEU B 81 8.86 -13.55 -4.15
N LEU B 82 9.83 -12.90 -4.80
CA LEU B 82 11.24 -13.18 -4.58
C LEU B 82 11.94 -11.91 -4.14
N LYS B 83 13.25 -12.00 -3.91
CA LYS B 83 14.01 -10.87 -3.38
C LYS B 83 14.09 -9.69 -4.35
N GLY B 84 14.35 -8.51 -3.79
CA GLY B 84 14.35 -7.27 -4.56
C GLY B 84 15.68 -6.89 -5.18
N HIS B 85 16.78 -7.39 -4.61
CA HIS B 85 18.13 -7.16 -5.16
C HIS B 85 18.47 -5.67 -5.31
N GLY B 86 17.95 -4.86 -4.39
CA GLY B 86 18.16 -3.42 -4.42
C GLY B 86 17.30 -2.63 -5.38
N LEU B 87 16.45 -3.31 -6.17
CA LEU B 87 15.53 -2.62 -7.09
C LEU B 87 14.24 -2.20 -6.42
N ALA B 88 13.85 -2.94 -5.39
CA ALA B 88 12.59 -2.73 -4.66
C ALA B 88 12.68 -3.58 -3.40
N ASP B 89 11.67 -3.49 -2.54
CA ASP B 89 11.66 -4.33 -1.34
C ASP B 89 11.57 -5.81 -1.68
N ALA B 90 10.90 -6.12 -2.78
CA ALA B 90 10.77 -7.49 -3.29
C ALA B 90 10.30 -7.39 -4.73
N ILE B 91 10.46 -8.47 -5.48
CA ILE B 91 9.98 -8.54 -6.86
C ILE B 91 8.92 -9.62 -6.93
N LEU B 92 7.72 -9.25 -7.40
CA LEU B 92 6.65 -10.21 -7.62
C LEU B 92 6.71 -10.64 -9.08
N HIS B 93 7.14 -11.87 -9.33
CA HIS B 93 7.21 -12.43 -10.68
C HIS B 93 5.86 -13.01 -11.01
N VAL B 94 5.19 -12.45 -12.00
CA VAL B 94 3.85 -12.91 -12.36
C VAL B 94 3.92 -13.53 -13.75
N VAL B 95 3.21 -14.63 -13.94
CA VAL B 95 3.22 -15.35 -15.21
C VAL B 95 1.93 -15.00 -15.96
N GLY B 96 2.02 -14.01 -16.84
CA GLY B 96 0.90 -13.63 -17.67
C GLY B 96 0.63 -14.67 -18.74
N PRO B 97 -0.60 -14.70 -19.25
CA PRO B 97 -0.92 -15.56 -20.39
C PRO B 97 -0.19 -15.09 -21.65
N ASP B 98 0.32 -16.06 -22.41
CA ASP B 98 0.99 -15.82 -23.68
C ASP B 98 0.00 -16.11 -24.79
N ALA B 99 -0.47 -15.05 -25.45
CA ALA B 99 -1.45 -15.21 -26.53
C ALA B 99 -0.89 -15.97 -27.72
N ARG B 100 0.44 -15.97 -27.88
CA ARG B 100 1.07 -16.75 -28.95
C ARG B 100 0.87 -18.25 -28.75
N ASN B 101 0.73 -18.68 -27.50
CA ASN B 101 0.50 -20.07 -27.15
C ASN B 101 -0.97 -20.34 -26.81
N ASN B 102 -1.88 -19.51 -27.34
CA ASN B 102 -3.33 -19.66 -27.17
C ASN B 102 -3.81 -19.61 -25.71
N GLU B 103 -3.06 -18.90 -24.86
CA GLU B 103 -3.43 -18.73 -23.45
C GLU B 103 -4.30 -17.48 -23.36
N ASP B 104 -5.41 -17.58 -22.64
CA ASP B 104 -6.44 -16.56 -22.65
C ASP B 104 -6.09 -15.38 -21.75
N ALA B 105 -6.38 -14.17 -22.23
CA ALA B 105 -6.15 -12.94 -21.48
C ALA B 105 -6.86 -12.91 -20.13
N ALA B 106 -7.97 -13.63 -19.99
CA ALA B 106 -8.70 -13.69 -18.72
C ALA B 106 -7.85 -14.20 -17.54
N LEU B 107 -6.81 -14.98 -17.82
CA LEU B 107 -5.88 -15.39 -16.78
C LEU B 107 -5.16 -14.22 -16.10
N LEU B 108 -5.16 -13.05 -16.73
CA LEU B 108 -4.64 -11.84 -16.09
C LEU B 108 -5.36 -11.49 -14.78
N LYS B 109 -6.61 -11.92 -14.63
CA LYS B 109 -7.30 -11.76 -13.35
C LYS B 109 -6.47 -12.34 -12.20
N ARG B 110 -5.92 -13.53 -12.41
CA ARG B 110 -5.12 -14.17 -11.36
C ARG B 110 -3.82 -13.42 -11.10
N CYS B 111 -3.18 -12.96 -12.17
CA CYS B 111 -1.97 -12.16 -12.07
C CYS B 111 -2.19 -10.92 -11.22
N TYR B 112 -3.22 -10.16 -11.56
CA TYR B 112 -3.47 -8.88 -10.93
C TYR B 112 -4.02 -8.99 -9.52
N LYS B 113 -4.79 -10.04 -9.22
CA LYS B 113 -5.26 -10.23 -7.84
C LYS B 113 -4.11 -10.49 -6.86
N ALA B 114 -3.00 -11.01 -7.36
CA ALA B 114 -1.82 -11.22 -6.52
C ALA B 114 -1.23 -9.90 -5.98
N PHE B 115 -1.57 -8.77 -6.61
CA PHE B 115 -1.08 -7.47 -6.13
C PHE B 115 -1.67 -7.07 -4.79
N ASN B 116 -2.88 -7.52 -4.50
CA ASN B 116 -3.73 -6.83 -3.53
C ASN B 116 -3.30 -6.96 -2.08
N LYS B 117 -2.51 -7.97 -1.77
CA LYS B 117 -1.96 -8.11 -0.41
C LYS B 117 -0.80 -7.15 -0.12
N HIS B 118 -0.30 -6.47 -1.14
CA HIS B 118 0.86 -5.59 -1.01
C HIS B 118 0.40 -4.14 -0.96
N THR B 119 1.09 -3.33 -0.16
CA THR B 119 0.66 -1.97 0.09
C THR B 119 0.93 -1.02 -1.08
N ILE B 120 2.10 -1.11 -1.69
CA ILE B 120 2.44 -0.30 -2.87
C ILE B 120 3.07 -1.20 -3.90
N VAL B 121 2.51 -1.16 -5.11
CA VAL B 121 2.98 -1.99 -6.22
C VAL B 121 3.35 -1.09 -7.40
N VAL B 122 4.48 -1.41 -8.03
CA VAL B 122 4.89 -0.76 -9.29
C VAL B 122 4.88 -1.87 -10.33
N THR B 123 4.14 -1.68 -11.41
CA THR B 123 3.95 -2.74 -12.39
C THR B 123 3.99 -2.23 -13.83
N PRO B 124 4.51 -3.07 -14.75
CA PRO B 124 4.24 -2.85 -16.16
C PRO B 124 2.89 -3.47 -16.53
N LEU B 125 2.48 -3.33 -17.78
CA LEU B 125 1.26 -3.98 -18.27
C LEU B 125 1.55 -5.44 -18.62
N ILE B 126 1.07 -6.35 -17.79
CA ILE B 126 1.39 -7.76 -17.93
C ILE B 126 0.82 -8.30 -19.24
N SER B 127 1.62 -9.12 -19.93
CA SER B 127 1.24 -9.75 -21.21
C SER B 127 1.11 -8.82 -22.41
N ALA B 128 1.39 -7.53 -22.24
CA ALA B 128 1.15 -6.55 -23.31
C ALA B 128 2.30 -6.43 -24.29
N GLY B 129 3.42 -7.11 -24.02
CA GLY B 129 4.56 -7.07 -24.92
C GLY B 129 4.67 -8.34 -25.73
N ILE B 130 5.71 -9.12 -25.45
CA ILE B 130 5.97 -10.37 -26.16
C ILE B 130 4.75 -11.32 -26.10
N PHE B 131 4.06 -11.34 -24.98
CA PHE B 131 2.91 -12.21 -24.83
C PHE B 131 1.65 -11.75 -25.58
N SER B 132 1.72 -10.59 -26.25
CA SER B 132 0.82 -10.26 -27.36
C SER B 132 -0.65 -10.09 -27.00
N VAL B 133 -0.91 -9.60 -25.78
CA VAL B 133 -2.24 -9.14 -25.38
C VAL B 133 -2.30 -7.63 -25.63
N ASP B 134 -3.43 -7.16 -26.15
CA ASP B 134 -3.66 -5.72 -26.36
C ASP B 134 -3.41 -4.96 -25.05
N PRO B 135 -2.59 -3.88 -25.07
CA PRO B 135 -2.38 -3.12 -23.84
C PRO B 135 -3.66 -2.64 -23.16
N LYS B 136 -4.65 -2.20 -23.94
CA LYS B 136 -5.94 -1.80 -23.36
C LYS B 136 -6.61 -2.95 -22.63
N VAL B 137 -6.55 -4.16 -23.19
CA VAL B 137 -7.12 -5.34 -22.55
C VAL B 137 -6.42 -5.63 -21.22
N SER B 138 -5.10 -5.64 -21.22
CA SER B 138 -4.36 -5.85 -19.98
C SER B 138 -4.70 -4.81 -18.93
N PHE B 139 -4.76 -3.54 -19.35
CA PHE B 139 -5.09 -2.45 -18.45
C PHE B 139 -6.49 -2.58 -17.86
N GLU B 140 -7.46 -3.02 -18.68
CA GLU B 140 -8.82 -3.25 -18.21
C GLU B 140 -8.88 -4.35 -17.14
N TYR B 141 -8.14 -5.45 -17.36
CA TYR B 141 -8.04 -6.50 -16.32
C TYR B 141 -7.39 -5.97 -15.04
N LEU B 142 -6.41 -5.09 -15.19
CA LEU B 142 -5.77 -4.46 -14.05
C LEU B 142 -6.77 -3.63 -13.26
N LEU B 143 -7.47 -2.73 -13.94
CA LEU B 143 -8.43 -1.86 -13.26
C LEU B 143 -9.57 -2.64 -12.61
N ALA B 144 -9.98 -3.74 -13.24
CA ALA B 144 -11.08 -4.55 -12.73
C ALA B 144 -10.71 -5.33 -11.45
N ASN B 145 -9.42 -5.59 -11.25
CA ASN B 145 -8.98 -6.50 -10.19
C ASN B 145 -8.08 -5.91 -9.11
N VAL B 146 -7.42 -4.80 -9.38
CA VAL B 146 -6.45 -4.23 -8.44
C VAL B 146 -7.18 -3.31 -7.45
N THR B 147 -6.95 -3.55 -6.18
CA THR B 147 -7.58 -2.80 -5.08
C THR B 147 -6.54 -2.24 -4.09
N THR B 148 -5.29 -2.13 -4.52
CA THR B 148 -4.23 -1.56 -3.69
C THR B 148 -3.52 -0.47 -4.47
N THR B 149 -2.75 0.35 -3.77
CA THR B 149 -2.03 1.47 -4.39
C THR B 149 -1.03 0.94 -5.40
N THR B 150 -1.24 1.30 -6.67
CA THR B 150 -0.48 0.72 -7.78
C THR B 150 -0.09 1.82 -8.76
N TYR B 151 1.19 1.84 -9.11
CA TYR B 151 1.70 2.70 -10.16
C TYR B 151 1.90 1.81 -11.38
N VAL B 152 1.05 2.02 -12.39
CA VAL B 152 1.12 1.27 -13.63
C VAL B 152 1.98 2.09 -14.57
N VAL B 153 3.16 1.57 -14.90
CA VAL B 153 4.17 2.33 -15.61
C VAL B 153 4.25 1.81 -17.03
N VAL B 154 4.05 2.70 -17.99
CA VAL B 154 4.18 2.39 -19.41
C VAL B 154 5.29 3.26 -19.98
N ASN B 155 6.16 2.68 -20.80
CA ASN B 155 7.30 3.44 -21.35
C ASN B 155 7.06 3.99 -22.75
N ASN B 156 5.87 3.73 -23.31
CA ASN B 156 5.49 4.18 -24.64
C ASN B 156 4.43 5.26 -24.50
N GLU B 157 4.70 6.45 -25.03
CA GLU B 157 3.79 7.59 -24.86
C GLU B 157 2.47 7.42 -25.60
N ASP B 158 2.47 6.68 -26.71
CA ASP B 158 1.22 6.40 -27.43
C ASP B 158 0.33 5.44 -26.64
N ILE B 159 0.93 4.46 -25.97
CA ILE B 159 0.19 3.60 -25.05
C ILE B 159 -0.36 4.44 -23.90
N TYR B 160 0.48 5.29 -23.33
CA TYR B 160 0.05 6.19 -22.26
C TYR B 160 -1.16 7.02 -22.67
N ASN B 161 -1.07 7.66 -23.84
CA ASN B 161 -2.15 8.51 -24.33
C ASN B 161 -3.45 7.72 -24.52
N THR B 162 -3.35 6.52 -25.09
CA THR B 162 -4.53 5.66 -25.28
C THR B 162 -5.20 5.32 -23.95
N LEU B 163 -4.40 4.90 -22.97
CA LEU B 163 -4.93 4.48 -21.68
C LEU B 163 -5.35 5.63 -20.77
N ALA B 164 -4.74 6.80 -20.95
CA ALA B 164 -5.06 7.98 -20.12
C ALA B 164 -6.38 8.65 -20.49
N THR B 165 -6.87 8.44 -21.71
CA THR B 165 -8.11 9.10 -22.17
C THR B 165 -9.33 8.57 -21.40
N1 APR C . -7.24 -1.58 10.96
C2 APR C . -5.96 -1.50 11.37
N3 APR C . -4.87 -1.22 10.65
C4 APR C . -5.18 -0.99 9.37
C5 APR C . -6.44 -1.03 8.80
C6 APR C . -7.51 -1.35 9.65
N6 APR C . -8.78 -1.45 9.24
N7 APR C . -6.37 -0.71 7.45
C8 APR C . -5.10 -0.48 7.24
N9 APR C . -4.32 -0.63 8.37
C1' APR C . -2.90 -0.39 8.54
C2' APR C . -2.04 -0.40 7.27
O2' APR C . -1.79 -1.73 6.83
C3' APR C . -0.81 0.34 7.79
O3' APR C . 0.07 -0.51 8.52
O4' APR C . -2.74 0.91 9.07
C4' APR C . -1.42 1.39 8.72
C5' APR C . -1.53 2.79 8.16
O5' APR C . -1.71 2.68 6.73
PA APR C . -2.49 3.80 5.82
O1A APR C . -1.99 3.46 4.50
O2A APR C . -3.83 3.67 6.29
O3A APR C . -1.81 5.10 6.44
PB APR C . -0.56 6.04 6.10
O1B APR C . -0.57 6.99 7.19
O2B APR C . 0.48 5.11 5.82
O5D APR C . -1.05 6.64 4.75
C5D APR C . -1.92 7.79 4.74
O4D APR C . -3.29 6.83 2.99
O1D APR C . -5.54 6.35 3.09
C1D APR C . -4.60 7.24 2.63
O2D APR C . -5.81 9.36 2.75
C2D APR C . -4.79 8.57 3.35
O3D APR C . -3.22 9.80 1.91
C3D APR C . -3.40 9.20 3.19
C4D APR C . -2.49 7.98 3.35
N1 APR D . 8.96 0.03 -17.97
C2 APR D . 7.66 -0.09 -18.23
N3 APR D . 7.05 -0.83 -19.16
C4 APR D . 7.95 -1.52 -19.88
C5 APR D . 9.32 -1.51 -19.72
C6 APR D . 9.84 -0.69 -18.70
N6 APR D . 11.14 -0.56 -18.43
N7 APR D . 9.93 -2.37 -20.62
C8 APR D . 8.92 -2.87 -21.30
N9 APR D . 7.70 -2.40 -20.91
C1' APR D . 6.38 -2.77 -21.39
C2' APR D . 6.32 -3.47 -22.75
O2' APR D . 6.48 -2.57 -23.84
C3' APR D . 4.91 -4.06 -22.65
O3' APR D . 3.92 -3.09 -22.93
O4' APR D . 5.82 -3.71 -20.49
C4' APR D . 4.83 -4.49 -21.18
C5' APR D . 5.07 -5.96 -20.92
O5' APR D . 5.94 -6.49 -21.94
PA APR D . 6.93 -7.76 -21.75
O1A APR D . 7.13 -8.08 -23.13
O2A APR D . 7.83 -7.20 -20.78
O3A APR D . 5.90 -8.73 -21.03
PB APR D . 4.91 -9.90 -21.48
O1B APR D . 4.33 -10.28 -20.16
O2B APR D . 4.30 -9.35 -22.62
O5D APR D . 5.98 -10.94 -21.97
C5D APR D . 6.57 -11.86 -21.04
O4D APR D . 8.71 -11.55 -22.10
O1D APR D . 10.68 -10.76 -21.17
C1D APR D . 9.98 -11.90 -21.56
O2D APR D . 10.76 -13.55 -19.97
C2D APR D . 9.65 -12.74 -20.34
O3D APR D . 8.90 -14.69 -21.63
C3D APR D . 8.48 -13.57 -20.86
C4D APR D . 7.73 -12.55 -21.72
#